data_4DNH
#
_entry.id   4DNH
#
_cell.length_a   75.291
_cell.length_b   75.291
_cell.length_c   139.518
_cell.angle_alpha   90.000
_cell.angle_beta   90.000
_cell.angle_gamma   120.000
#
_symmetry.space_group_name_H-M   'P 32 2 1'
#
loop_
_entity.id
_entity.type
_entity.pdbx_description
1 polymer 'Uncharacterized protein'
2 non-polymer GLYCEROL
3 water water
#
_entity_poly.entity_id   1
_entity_poly.type   'polypeptide(L)'
_entity_poly.pdbx_seq_one_letter_code
;SLVSIDLPIEGRLARYDLTGRPVPFNSRDAKAFSRVAFAAAHVVADPLADNDPWLAPAIDWERTLAFRHRLWDLGLGVAE
S(MSE)DTAQRG(MSE)GLGWPEARELIRRSLAEARGRPDALIACGAGTDHLAPGPDVSIDDILAAYESQIEAIEAEGGR
IIL(MSE)ASRALAAAAKGPEDYIRVYDRVLSQVKEPVIIHWLGE(MSE)FDPALEGYWGNADH(MSE)AA(MSE)KTCL
DVLEAHAAKVDGIKISLLSKEKEIV(MSE)RRQLPKGVR(MSE)YTGDDFNYAELIAGDEEGHSDALLGIFDAIAPVASA
ALEALGSGRNGEFFELLEPTVPLSRHIFKAPTRFYKTGVVFLAYLNGLQDHFV(MSE)IGGQQSARSLVHLAELFRLADK
AGALADPELATAR(MSE)RRVLA(MSE)HGVEEGHHHHHH
;
_entity_poly.pdbx_strand_id   A
#
loop_
_chem_comp.id
_chem_comp.type
_chem_comp.name
_chem_comp.formula
GOL non-polymer GLYCEROL 'C3 H8 O3'
#
# COMPACT_ATOMS: atom_id res chain seq x y z
N LEU A 2 -24.69 14.94 18.26
CA LEU A 2 -23.69 16.04 18.20
C LEU A 2 -22.44 15.76 19.06
N VAL A 3 -21.40 15.26 18.41
CA VAL A 3 -20.16 14.89 19.07
C VAL A 3 -19.10 15.95 18.83
N SER A 4 -18.48 16.37 19.93
CA SER A 4 -17.50 17.45 19.93
C SER A 4 -16.26 17.01 20.69
N ILE A 5 -15.08 17.50 20.29
CA ILE A 5 -13.81 17.16 20.94
C ILE A 5 -12.82 18.33 20.85
N ASP A 6 -12.07 18.56 21.93
CA ASP A 6 -11.01 19.57 21.91
C ASP A 6 -9.70 18.99 21.38
N LEU A 7 -9.15 19.61 20.35
CA LEU A 7 -8.00 19.09 19.63
C LEU A 7 -6.91 20.14 19.48
N PRO A 8 -5.64 19.69 19.42
CA PRO A 8 -4.54 20.64 19.29
C PRO A 8 -4.36 21.20 17.89
N ILE A 9 -4.28 22.54 17.82
CA ILE A 9 -3.85 23.28 16.65
C ILE A 9 -2.97 24.40 17.18
N GLU A 10 -1.84 24.63 16.51
CA GLU A 10 -0.93 25.74 16.82
C GLU A 10 -0.60 25.86 18.31
N GLY A 11 -0.08 24.78 18.90
CA GLY A 11 0.28 24.74 20.33
C GLY A 11 -0.87 24.84 21.32
N ARG A 12 -2.01 25.38 20.85
CA ARG A 12 -3.22 25.54 21.65
C ARG A 12 -4.26 24.44 21.38
N LEU A 13 -5.44 24.58 21.96
CA LEU A 13 -6.43 23.53 21.97
C LEU A 13 -7.79 24.11 21.60
N ALA A 14 -8.42 23.54 20.58
CA ALA A 14 -9.64 24.10 20.01
C ALA A 14 -10.77 23.10 19.75
N ARG A 15 -11.99 23.57 19.95
CA ARG A 15 -13.19 22.78 19.74
C ARG A 15 -13.26 22.30 18.30
N TYR A 16 -13.48 21.01 18.16
CA TYR A 16 -13.81 20.45 16.87
C TYR A 16 -15.09 19.67 17.00
N ASP A 17 -16.09 20.07 16.21
CA ASP A 17 -17.37 19.36 16.12
C ASP A 17 -17.29 18.43 14.92
N LEU A 18 -17.65 17.16 15.12
CA LEU A 18 -17.64 16.22 13.99
C LEU A 18 -18.84 16.48 13.09
N THR A 19 -18.61 16.59 11.78
CA THR A 19 -19.68 16.89 10.81
C THR A 19 -19.81 15.86 9.67
N GLY A 20 -19.00 14.83 9.67
CA GLY A 20 -19.06 13.83 8.60
C GLY A 20 -20.20 12.85 8.75
N ARG A 21 -20.69 12.37 7.60
CA ARG A 21 -21.60 11.23 7.55
C ARG A 21 -20.76 10.02 7.17
N PRO A 22 -20.59 9.06 8.10
CA PRO A 22 -19.76 7.89 7.77
C PRO A 22 -20.32 7.19 6.55
N VAL A 23 -19.46 6.84 5.61
CA VAL A 23 -19.90 5.98 4.50
C VAL A 23 -20.12 4.59 5.12
N PRO A 24 -21.34 4.06 5.01
CA PRO A 24 -21.63 2.77 5.66
C PRO A 24 -20.88 1.63 4.98
N PHE A 25 -20.36 0.73 5.81
CA PHE A 25 -19.69 -0.48 5.35
C PHE A 25 -20.75 -1.32 4.66
N ASN A 26 -20.45 -1.77 3.44
CA ASN A 26 -21.37 -2.64 2.71
C ASN A 26 -20.58 -3.70 1.96
N SER A 27 -20.88 -4.96 2.24
CA SER A 27 -20.25 -6.10 1.57
C SER A 27 -20.47 -6.02 0.06
N ARG A 28 -19.43 -6.35 -0.72
CA ARG A 28 -19.48 -6.17 -2.18
C ARG A 28 -18.59 -7.19 -2.86
N ASP A 29 -18.97 -7.53 -4.07
CA ASP A 29 -18.27 -8.45 -4.95
C ASP A 29 -17.47 -7.61 -5.92
N ALA A 30 -16.24 -8.01 -6.20
CA ALA A 30 -15.36 -7.27 -7.12
C ALA A 30 -15.98 -7.08 -8.52
N LYS A 31 -16.87 -7.99 -8.90
CA LYS A 31 -17.55 -7.91 -10.19
C LYS A 31 -18.45 -6.67 -10.35
N ALA A 32 -18.83 -6.06 -9.23
CA ALA A 32 -19.59 -4.80 -9.27
C ALA A 32 -18.72 -3.62 -9.72
N PHE A 33 -17.39 -3.81 -9.71
CA PHE A 33 -16.44 -2.76 -10.12
C PHE A 33 -16.07 -2.86 -11.60
N SER A 34 -15.67 -1.73 -12.15
CA SER A 34 -15.12 -1.67 -13.50
C SER A 34 -13.62 -1.42 -13.43
N ARG A 35 -13.03 -1.71 -12.27
CA ARG A 35 -11.59 -1.59 -12.06
C ARG A 35 -11.09 -2.79 -11.28
N VAL A 36 -9.79 -3.09 -11.42
CA VAL A 36 -9.08 -4.03 -10.52
C VAL A 36 -8.33 -3.28 -9.42
N ALA A 37 -8.84 -3.40 -8.20
CA ALA A 37 -8.38 -2.60 -7.06
C ALA A 37 -7.86 -3.48 -5.95
N PHE A 38 -6.62 -3.22 -5.54
CA PHE A 38 -6.00 -3.85 -4.37
C PHE A 38 -5.79 -2.81 -3.30
N ALA A 39 -5.97 -3.22 -2.06
CA ALA A 39 -5.42 -2.45 -0.96
C ALA A 39 -4.11 -3.11 -0.48
N ALA A 40 -3.05 -2.32 -0.35
CA ALA A 40 -1.83 -2.81 0.28
C ALA A 40 -2.07 -2.76 1.79
N ALA A 41 -2.11 -3.92 2.44
CA ALA A 41 -2.65 -3.98 3.79
C ALA A 41 -1.56 -3.94 4.85
N HIS A 42 -1.88 -3.28 5.96
CA HIS A 42 -0.95 -3.07 7.07
C HIS A 42 -0.89 -4.29 7.96
N VAL A 43 0.06 -4.28 8.89
CA VAL A 43 0.24 -5.35 9.88
C VAL A 43 -0.10 -4.90 11.29
N VAL A 44 -0.85 -5.72 12.02
CA VAL A 44 -1.11 -5.47 13.43
C VAL A 44 -0.01 -6.11 14.31
N ALA A 45 0.70 -5.27 15.07
CA ALA A 45 1.68 -5.77 16.03
C ALA A 45 1.03 -6.39 17.26
N ASP A 46 1.77 -7.26 17.93
CA ASP A 46 1.29 -7.84 19.19
C ASP A 46 1.88 -7.00 20.32
N PRO A 47 1.02 -6.25 21.04
CA PRO A 47 1.55 -5.35 22.06
C PRO A 47 1.98 -6.04 23.36
N LEU A 48 1.88 -7.37 23.44
CA LEU A 48 2.23 -8.12 24.68
C LEU A 48 3.49 -8.97 24.55
N ALA A 49 4.12 -8.93 23.38
CA ALA A 49 5.30 -9.73 23.13
C ALA A 49 6.54 -9.15 23.80
N ASP A 50 7.45 -10.04 24.20
CA ASP A 50 8.74 -9.68 24.79
C ASP A 50 9.79 -9.42 23.69
N ASN A 51 9.47 -8.53 22.75
CA ASN A 51 10.40 -8.13 21.68
C ASN A 51 11.17 -6.84 21.99
N ASP A 52 12.23 -6.55 21.23
CA ASP A 52 12.81 -5.19 21.17
C ASP A 52 12.13 -4.50 19.97
N PRO A 53 11.19 -3.57 20.23
CA PRO A 53 10.29 -3.05 19.17
C PRO A 53 10.93 -2.33 17.99
N TRP A 54 12.10 -1.74 18.16
CA TRP A 54 12.79 -1.13 17.03
C TRP A 54 13.66 -2.16 16.33
N LEU A 55 13.92 -3.28 17.00
CA LEU A 55 14.82 -4.30 16.44
C LEU A 55 14.13 -5.44 15.72
N ALA A 56 13.09 -6.03 16.32
CA ALA A 56 12.40 -7.21 15.76
C ALA A 56 10.90 -7.23 16.06
N PRO A 57 10.07 -7.63 15.07
CA PRO A 57 8.62 -7.49 15.21
C PRO A 57 7.95 -8.69 15.88
N ALA A 58 6.76 -8.45 16.43
CA ALA A 58 5.92 -9.50 16.98
C ALA A 58 4.54 -9.20 16.48
N ILE A 59 3.93 -10.15 15.78
CA ILE A 59 2.72 -9.87 15.02
C ILE A 59 1.49 -10.52 15.68
N ASP A 60 0.39 -9.79 15.65
CA ASP A 60 -0.88 -10.38 16.04
C ASP A 60 -1.53 -10.96 14.79
N TRP A 61 -1.37 -12.26 14.58
CA TRP A 61 -1.93 -12.91 13.38
C TRP A 61 -3.44 -12.80 13.22
N GLU A 62 -4.16 -13.02 14.30
CA GLU A 62 -5.62 -12.98 14.29
C GLU A 62 -6.08 -11.60 13.83
N ARG A 63 -5.57 -10.56 14.47
CA ARG A 63 -5.95 -9.22 14.11
C ARG A 63 -5.48 -8.83 12.69
N THR A 64 -4.28 -9.26 12.30
CA THR A 64 -3.77 -8.98 10.95
C THR A 64 -4.60 -9.65 9.87
N LEU A 65 -4.92 -10.94 10.06
CA LEU A 65 -5.74 -11.66 9.09
C LEU A 65 -7.19 -11.19 9.07
N ALA A 66 -7.73 -10.83 10.23
CA ALA A 66 -9.09 -10.25 10.27
C ALA A 66 -9.21 -9.06 9.33
N PHE A 67 -8.13 -8.31 9.18
CA PHE A 67 -8.17 -7.16 8.29
C PHE A 67 -8.15 -7.52 6.79
N ARG A 68 -7.41 -8.57 6.41
CA ARG A 68 -7.58 -9.13 5.07
C ARG A 68 -9.03 -9.53 4.76
N HIS A 69 -9.74 -10.13 5.72
CA HIS A 69 -11.13 -10.52 5.50
C HIS A 69 -12.03 -9.34 5.33
N ARG A 70 -11.78 -8.28 6.10
CA ARG A 70 -12.48 -7.01 5.94
C ARG A 70 -12.33 -6.49 4.51
N LEU A 71 -11.11 -6.60 3.97
CA LEU A 71 -10.85 -6.11 2.60
C LEU A 71 -11.56 -6.98 1.59
N TRP A 72 -11.40 -8.29 1.71
CA TRP A 72 -12.13 -9.20 0.83
C TRP A 72 -13.61 -9.00 0.86
N ASP A 73 -14.17 -8.73 2.05
CA ASP A 73 -15.62 -8.49 2.25
C ASP A 73 -16.12 -7.31 1.44
N LEU A 74 -15.27 -6.28 1.33
CA LEU A 74 -15.61 -5.07 0.60
C LEU A 74 -15.31 -5.19 -0.89
N GLY A 75 -14.81 -6.35 -1.31
CA GLY A 75 -14.52 -6.61 -2.71
C GLY A 75 -13.14 -6.21 -3.17
N LEU A 76 -12.36 -5.60 -2.28
CA LEU A 76 -11.01 -5.14 -2.62
C LEU A 76 -10.05 -6.31 -2.60
N GLY A 77 -9.07 -6.30 -3.49
CA GLY A 77 -8.02 -7.32 -3.44
C GLY A 77 -7.01 -6.99 -2.35
N VAL A 78 -6.18 -7.95 -2.00
CA VAL A 78 -5.16 -7.74 -0.99
C VAL A 78 -3.76 -7.88 -1.63
N ALA A 79 -2.92 -6.87 -1.42
CA ALA A 79 -1.52 -6.90 -1.82
C ALA A 79 -0.68 -7.15 -0.57
N GLU A 80 -0.12 -8.35 -0.44
CA GLU A 80 0.46 -8.76 0.83
C GLU A 80 1.93 -8.54 1.00
N SER A 81 2.26 -8.21 2.25
CA SER A 81 3.60 -8.01 2.67
C SER A 81 4.25 -6.95 1.79
N MSE A 82 3.49 -5.91 1.51
CA MSE A 82 3.96 -4.81 0.68
C MSE A 82 4.53 -3.70 1.53
O MSE A 82 4.68 -3.83 2.75
CB MSE A 82 2.78 -4.36 -0.19
CG MSE A 82 2.52 -5.38 -1.29
SE MSE A 82 4.08 -5.37 -2.51
CE MSE A 82 3.69 -3.62 -3.33
N ASP A 83 4.86 -2.60 0.88
CA ASP A 83 5.44 -1.47 1.59
C ASP A 83 4.55 -1.04 2.75
N THR A 84 3.23 -1.10 2.60
CA THR A 84 2.31 -0.76 3.70
C THR A 84 2.42 -1.72 4.88
N ALA A 85 2.84 -2.96 4.63
CA ALA A 85 2.98 -3.92 5.73
C ALA A 85 4.36 -3.78 6.33
N GLN A 86 5.04 -2.69 5.94
CA GLN A 86 6.32 -2.25 6.51
C GLN A 86 7.49 -3.08 6.06
N ARG A 87 7.30 -3.78 4.93
CA ARG A 87 8.31 -4.56 4.25
C ARG A 87 9.60 -3.75 4.08
N GLY A 88 10.74 -4.36 4.40
CA GLY A 88 12.05 -3.66 4.29
C GLY A 88 12.32 -2.57 5.34
N MSE A 89 11.32 -2.23 6.13
CA MSE A 89 11.39 -1.13 7.11
C MSE A 89 10.68 -1.56 8.39
O MSE A 89 9.78 -0.87 8.91
CB MSE A 89 10.78 0.12 6.46
CG MSE A 89 11.40 1.41 7.02
SE MSE A 89 10.38 3.02 6.46
CE MSE A 89 9.72 3.72 8.19
N GLY A 90 11.07 -2.72 8.92
CA GLY A 90 10.44 -3.31 10.09
C GLY A 90 9.97 -4.76 9.93
N LEU A 91 9.52 -5.12 8.73
CA LEU A 91 9.04 -6.47 8.49
C LEU A 91 10.07 -7.25 7.70
N GLY A 92 10.83 -8.11 8.36
CA GLY A 92 11.83 -8.90 7.66
C GLY A 92 11.20 -9.92 6.72
N TRP A 93 12.05 -10.55 5.90
CA TRP A 93 11.60 -11.61 5.01
C TRP A 93 10.95 -12.76 5.75
N PRO A 94 11.56 -13.27 6.84
CA PRO A 94 10.91 -14.41 7.53
C PRO A 94 9.45 -14.14 7.94
N GLU A 95 9.19 -12.98 8.51
CA GLU A 95 7.86 -12.58 8.91
C GLU A 95 6.96 -12.28 7.69
N ALA A 96 7.56 -11.76 6.62
CA ALA A 96 6.86 -11.50 5.36
C ALA A 96 6.41 -12.81 4.69
N ARG A 97 7.32 -13.79 4.64
CA ARG A 97 7.03 -15.13 4.14
C ARG A 97 5.90 -15.78 4.96
N GLU A 98 5.95 -15.63 6.28
CA GLU A 98 4.92 -16.22 7.12
C GLU A 98 3.57 -15.54 6.88
N LEU A 99 3.57 -14.22 6.69
CA LEU A 99 2.33 -13.49 6.47
C LEU A 99 1.73 -13.89 5.14
N ILE A 100 2.58 -14.02 4.13
CA ILE A 100 2.18 -14.52 2.83
C ILE A 100 1.55 -15.92 2.95
N ARG A 101 2.22 -16.83 3.65
CA ARG A 101 1.72 -18.19 3.88
C ARG A 101 0.33 -18.22 4.56
N ARG A 102 0.18 -17.52 5.69
CA ARG A 102 -1.13 -17.43 6.37
C ARG A 102 -2.22 -16.82 5.47
N SER A 103 -1.93 -15.69 4.85
CA SER A 103 -2.91 -15.01 3.99
C SER A 103 -3.39 -15.84 2.80
N LEU A 104 -2.46 -16.51 2.10
CA LEU A 104 -2.83 -17.43 1.03
C LEU A 104 -3.78 -18.49 1.56
N ALA A 105 -3.48 -19.04 2.73
CA ALA A 105 -4.33 -20.06 3.34
C ALA A 105 -5.69 -19.50 3.69
N GLU A 106 -5.76 -18.26 4.16
CA GLU A 106 -7.08 -17.65 4.43
C GLU A 106 -7.84 -17.51 3.12
N ALA A 107 -7.15 -17.00 2.09
CA ALA A 107 -7.72 -16.76 0.76
C ALA A 107 -8.41 -17.99 0.15
N ARG A 108 -7.69 -19.11 0.11
CA ARG A 108 -8.25 -20.35 -0.42
C ARG A 108 -9.50 -20.80 0.36
N GLY A 109 -9.67 -20.23 1.55
CA GLY A 109 -10.81 -20.50 2.41
C GLY A 109 -12.04 -19.67 2.09
N ARG A 110 -11.98 -18.90 1.01
CA ARG A 110 -13.03 -17.98 0.63
C ARG A 110 -13.28 -18.10 -0.86
N PRO A 111 -14.56 -17.95 -1.30
CA PRO A 111 -14.77 -17.93 -2.75
C PRO A 111 -14.23 -16.66 -3.40
N ASP A 112 -14.22 -15.53 -2.68
CA ASP A 112 -13.94 -14.22 -3.27
C ASP A 112 -12.72 -13.49 -2.69
N ALA A 113 -11.55 -14.11 -2.79
CA ALA A 113 -10.36 -13.50 -2.23
C ALA A 113 -9.25 -13.30 -3.26
N LEU A 114 -9.10 -12.06 -3.73
CA LEU A 114 -8.03 -11.72 -4.65
C LEU A 114 -6.81 -11.23 -3.85
N ILE A 115 -5.63 -11.73 -4.22
CA ILE A 115 -4.44 -11.55 -3.42
C ILE A 115 -3.22 -11.79 -4.29
N ALA A 116 -2.19 -10.97 -4.08
CA ALA A 116 -0.93 -11.10 -4.76
C ALA A 116 0.15 -10.70 -3.76
N CYS A 117 1.30 -11.35 -3.87
CA CYS A 117 2.27 -11.36 -2.80
C CYS A 117 3.58 -10.76 -3.22
N GLY A 118 4.06 -9.80 -2.41
CA GLY A 118 5.32 -9.15 -2.69
C GLY A 118 6.52 -10.07 -2.59
N ALA A 119 7.25 -10.18 -3.71
CA ALA A 119 8.47 -10.99 -3.80
C ALA A 119 9.66 -10.09 -4.15
N GLY A 120 10.73 -10.20 -3.37
CA GLY A 120 11.85 -9.31 -3.56
C GLY A 120 13.18 -9.90 -3.19
N THR A 121 14.01 -9.04 -2.63
CA THR A 121 15.40 -9.30 -2.38
C THR A 121 15.74 -8.97 -0.91
N ASP A 122 14.75 -8.46 -0.18
CA ASP A 122 14.94 -7.90 1.17
C ASP A 122 15.70 -8.74 2.21
N HIS A 123 15.97 -10.02 1.93
CA HIS A 123 16.82 -10.81 2.84
C HIS A 123 18.30 -10.67 2.54
N LEU A 124 18.63 -9.81 1.56
CA LEU A 124 20.00 -9.64 1.10
C LEU A 124 20.47 -8.20 1.29
N ALA A 125 21.51 -8.04 2.11
CA ALA A 125 22.09 -6.73 2.44
C ALA A 125 22.81 -6.16 1.23
N PRO A 126 22.49 -4.91 0.84
CA PRO A 126 23.28 -4.20 -0.18
C PRO A 126 24.75 -4.23 0.21
N GLY A 127 25.62 -4.62 -0.72
CA GLY A 127 27.02 -4.85 -0.40
C GLY A 127 27.98 -4.50 -1.51
N PRO A 128 29.22 -4.12 -1.13
CA PRO A 128 30.23 -3.65 -2.07
C PRO A 128 30.77 -4.77 -2.97
N ASP A 129 30.30 -5.99 -2.73
CA ASP A 129 30.69 -7.15 -3.53
C ASP A 129 29.57 -8.19 -3.65
N VAL A 130 28.33 -7.72 -3.49
CA VAL A 130 27.14 -8.48 -3.82
C VAL A 130 27.02 -8.51 -5.34
N SER A 131 26.92 -9.71 -5.91
CA SER A 131 26.93 -9.89 -7.37
C SER A 131 25.52 -10.00 -7.96
N ILE A 132 25.43 -9.85 -9.28
CA ILE A 132 24.16 -10.04 -10.01
C ILE A 132 23.58 -11.44 -9.80
N ASP A 133 24.45 -12.46 -9.77
CA ASP A 133 24.06 -13.84 -9.49
C ASP A 133 23.42 -13.98 -8.10
N ASP A 134 24.06 -13.37 -7.10
CA ASP A 134 23.54 -13.31 -5.74
C ASP A 134 22.12 -12.75 -5.74
N ILE A 135 21.89 -11.77 -6.62
CA ILE A 135 20.60 -11.05 -6.68
C ILE A 135 19.54 -11.94 -7.32
N LEU A 136 19.91 -12.62 -8.41
CA LEU A 136 18.99 -13.56 -9.04
C LEU A 136 18.58 -14.66 -8.09
N ALA A 137 19.55 -15.17 -7.33
CA ALA A 137 19.30 -16.21 -6.34
C ALA A 137 18.31 -15.70 -5.29
N ALA A 138 18.49 -14.45 -4.86
CA ALA A 138 17.59 -13.83 -3.90
C ALA A 138 16.15 -13.77 -4.42
N TYR A 139 15.95 -13.23 -5.63
CA TYR A 139 14.63 -13.21 -6.26
C TYR A 139 14.00 -14.59 -6.39
N GLU A 140 14.73 -15.53 -6.97
CA GLU A 140 14.14 -16.85 -7.19
C GLU A 140 13.81 -17.56 -5.88
N SER A 141 14.62 -17.31 -4.85
CA SER A 141 14.39 -17.90 -3.53
C SER A 141 13.00 -17.50 -3.02
N GLN A 142 12.73 -16.20 -3.03
CA GLN A 142 11.43 -15.69 -2.55
C GLN A 142 10.29 -16.05 -3.48
N ILE A 143 10.52 -15.90 -4.80
CA ILE A 143 9.53 -16.28 -5.82
C ILE A 143 9.11 -17.75 -5.66
N GLU A 144 10.07 -18.64 -5.49
CA GLU A 144 9.77 -20.07 -5.35
C GLU A 144 9.01 -20.33 -4.06
N ALA A 145 9.44 -19.69 -2.98
CA ALA A 145 8.73 -19.78 -1.70
C ALA A 145 7.26 -19.40 -1.86
N ILE A 146 6.99 -18.28 -2.53
CA ILE A 146 5.61 -17.81 -2.73
C ILE A 146 4.77 -18.73 -3.62
N GLU A 147 5.31 -19.06 -4.79
CA GLU A 147 4.66 -19.97 -5.72
C GLU A 147 4.35 -21.32 -5.07
N ALA A 148 5.21 -21.79 -4.17
CA ALA A 148 4.95 -23.05 -3.47
C ALA A 148 3.68 -22.99 -2.60
N GLU A 149 3.27 -21.80 -2.20
CA GLU A 149 2.03 -21.64 -1.43
C GLU A 149 0.86 -21.25 -2.34
N GLY A 150 1.10 -21.32 -3.65
CA GLY A 150 0.09 -20.98 -4.66
C GLY A 150 -0.21 -19.50 -4.79
N GLY A 151 0.83 -18.65 -4.65
CA GLY A 151 0.62 -17.22 -4.70
C GLY A 151 0.99 -16.60 -6.04
N ARG A 152 0.20 -15.63 -6.50
CA ARG A 152 0.65 -14.76 -7.56
C ARG A 152 1.56 -13.66 -6.98
N ILE A 153 2.54 -13.23 -7.78
CA ILE A 153 3.64 -12.39 -7.32
C ILE A 153 3.47 -10.93 -7.69
N ILE A 154 3.85 -10.05 -6.76
CA ILE A 154 4.10 -8.66 -7.06
C ILE A 154 5.60 -8.52 -6.95
N LEU A 155 6.25 -8.21 -8.05
CA LEU A 155 7.70 -8.25 -8.10
C LEU A 155 8.27 -6.93 -7.60
N MSE A 156 8.84 -6.97 -6.40
CA MSE A 156 9.30 -5.76 -5.72
C MSE A 156 10.66 -5.33 -6.22
O MSE A 156 11.44 -6.14 -6.74
CB MSE A 156 9.30 -6.04 -4.22
CG MSE A 156 7.85 -6.05 -3.73
SE MSE A 156 7.81 -6.47 -1.80
CE MSE A 156 7.80 -4.62 -1.08
N ALA A 157 10.93 -4.03 -6.07
CA ALA A 157 12.23 -3.48 -6.41
C ALA A 157 13.24 -3.96 -5.39
N SER A 158 14.51 -4.00 -5.78
CA SER A 158 15.55 -4.64 -4.99
C SER A 158 16.64 -3.65 -4.52
N ARG A 159 16.81 -3.58 -3.20
CA ARG A 159 17.81 -2.73 -2.53
C ARG A 159 19.23 -3.08 -3.05
N ALA A 160 19.56 -4.37 -3.11
CA ALA A 160 20.92 -4.82 -3.49
C ALA A 160 21.26 -4.52 -4.95
N LEU A 161 20.24 -4.59 -5.80
CA LEU A 161 20.38 -4.28 -7.22
C LEU A 161 20.59 -2.77 -7.46
N ALA A 162 19.82 -1.93 -6.76
CA ALA A 162 20.01 -0.46 -6.84
C ALA A 162 21.44 0.00 -6.49
N ALA A 163 22.13 -0.78 -5.66
CA ALA A 163 23.50 -0.53 -5.24
C ALA A 163 24.55 -1.26 -6.08
N ALA A 164 24.16 -2.36 -6.72
CA ALA A 164 25.13 -3.11 -7.53
C ALA A 164 25.11 -2.74 -9.02
N ALA A 165 23.95 -2.34 -9.51
CA ALA A 165 23.74 -2.06 -10.95
C ALA A 165 24.69 -0.99 -11.48
N LYS A 166 25.40 -1.31 -12.55
CA LYS A 166 26.34 -0.34 -13.15
C LYS A 166 25.71 0.41 -14.33
N GLY A 167 24.39 0.32 -14.42
CA GLY A 167 23.62 0.98 -15.48
C GLY A 167 22.31 0.27 -15.79
N PRO A 168 21.62 0.69 -16.87
CA PRO A 168 20.37 0.08 -17.30
C PRO A 168 20.46 -1.41 -17.65
N GLU A 169 21.61 -1.84 -18.18
CA GLU A 169 21.77 -3.19 -18.73
C GLU A 169 21.67 -4.30 -17.68
N ASP A 170 22.03 -3.99 -16.45
CA ASP A 170 21.91 -4.94 -15.34
C ASP A 170 20.44 -5.17 -14.94
N TYR A 171 19.64 -4.12 -14.99
CA TYR A 171 18.21 -4.26 -14.76
C TYR A 171 17.57 -5.10 -15.84
N ILE A 172 18.01 -4.92 -17.08
CA ILE A 172 17.48 -5.67 -18.20
C ILE A 172 17.75 -7.16 -18.00
N ARG A 173 18.99 -7.51 -17.66
CA ARG A 173 19.41 -8.91 -17.47
C ARG A 173 18.71 -9.59 -16.29
N VAL A 174 18.61 -8.88 -15.17
CA VAL A 174 17.99 -9.41 -13.96
C VAL A 174 16.51 -9.69 -14.23
N TYR A 175 15.78 -8.67 -14.66
CA TYR A 175 14.36 -8.84 -14.99
C TYR A 175 14.12 -9.79 -16.19
N ASP A 176 15.16 -10.00 -17.01
CA ASP A 176 15.08 -10.97 -18.10
C ASP A 176 15.06 -12.40 -17.54
N ARG A 177 15.97 -12.71 -16.61
CA ARG A 177 15.98 -14.05 -16.03
C ARG A 177 14.78 -14.27 -15.12
N VAL A 178 14.57 -13.33 -14.20
CA VAL A 178 13.45 -13.40 -13.26
C VAL A 178 12.11 -13.64 -14.00
N LEU A 179 11.79 -12.79 -14.96
CA LEU A 179 10.49 -12.85 -15.62
C LEU A 179 10.29 -14.04 -16.56
N SER A 180 11.36 -14.53 -17.16
CA SER A 180 11.26 -15.74 -17.97
C SER A 180 11.09 -16.98 -17.10
N GLN A 181 11.39 -16.85 -15.80
CA GLN A 181 11.29 -17.97 -14.88
C GLN A 181 10.10 -17.95 -13.91
N VAL A 182 9.33 -16.87 -13.91
CA VAL A 182 8.10 -16.83 -13.10
C VAL A 182 7.13 -17.81 -13.72
N LYS A 183 6.18 -18.31 -12.94
CA LYS A 183 5.22 -19.27 -13.48
C LYS A 183 3.93 -18.60 -13.94
N GLU A 184 3.61 -17.44 -13.39
CA GLU A 184 2.37 -16.73 -13.70
C GLU A 184 2.64 -15.23 -13.88
N PRO A 185 1.76 -14.53 -14.62
CA PRO A 185 1.91 -13.07 -14.74
C PRO A 185 2.14 -12.38 -13.40
N VAL A 186 2.96 -11.35 -13.45
CA VAL A 186 3.49 -10.63 -12.31
C VAL A 186 3.06 -9.16 -12.39
N ILE A 187 2.98 -8.50 -11.24
CA ILE A 187 2.81 -7.05 -11.20
C ILE A 187 4.13 -6.45 -10.75
N ILE A 188 4.75 -5.68 -11.63
CA ILE A 188 6.05 -5.08 -11.35
C ILE A 188 5.85 -3.82 -10.53
N HIS A 189 6.68 -3.68 -9.51
CA HIS A 189 6.57 -2.54 -8.64
C HIS A 189 7.76 -1.61 -8.76
N TRP A 190 7.48 -0.39 -9.21
CA TRP A 190 8.42 0.71 -9.19
C TRP A 190 8.14 1.59 -8.00
N LEU A 191 8.90 1.37 -6.93
CA LEU A 191 8.77 2.08 -5.66
C LEU A 191 9.73 3.27 -5.63
N GLY A 192 9.21 4.49 -5.47
CA GLY A 192 10.05 5.70 -5.45
C GLY A 192 10.87 5.91 -4.18
N GLU A 193 11.87 6.79 -4.27
CA GLU A 193 12.83 7.03 -3.18
C GLU A 193 12.26 7.70 -1.92
N MSE A 194 11.09 8.31 -2.04
CA MSE A 194 10.45 8.92 -0.87
C MSE A 194 9.90 7.84 0.03
O MSE A 194 9.77 8.02 1.23
CB MSE A 194 9.38 9.91 -1.29
CG MSE A 194 9.52 10.12 -2.78
SE MSE A 194 8.25 8.92 -3.69
CE MSE A 194 7.21 10.53 -4.12
N PHE A 195 9.58 6.69 -0.58
CA PHE A 195 9.16 5.51 0.16
C PHE A 195 10.37 4.69 0.63
N ASP A 196 11.38 4.58 -0.24
CA ASP A 196 12.60 3.85 0.10
C ASP A 196 13.81 4.57 -0.47
N PRO A 197 14.54 5.30 0.39
CA PRO A 197 15.72 6.04 -0.10
C PRO A 197 16.77 5.13 -0.73
N ALA A 198 16.86 3.88 -0.27
CA ALA A 198 17.83 2.93 -0.84
C ALA A 198 17.47 2.41 -2.26
N LEU A 199 16.33 2.86 -2.80
CA LEU A 199 15.95 2.53 -4.17
C LEU A 199 16.24 3.66 -5.15
N GLU A 200 17.27 4.43 -4.81
CA GLU A 200 17.70 5.61 -5.53
C GLU A 200 18.21 5.32 -6.94
N GLY A 201 17.58 5.95 -7.94
CA GLY A 201 17.95 5.77 -9.35
C GLY A 201 17.66 4.39 -9.90
N TYR A 202 16.53 3.80 -9.52
CA TYR A 202 16.14 2.47 -9.99
C TYR A 202 15.89 2.46 -11.51
N TRP A 203 16.24 1.33 -12.15
CA TRP A 203 16.28 1.13 -13.62
C TRP A 203 17.56 1.60 -14.27
N GLY A 204 18.42 2.27 -13.51
CA GLY A 204 19.73 2.67 -13.98
C GLY A 204 19.94 4.14 -14.28
N ASN A 205 18.93 4.96 -14.03
CA ASN A 205 19.05 6.41 -14.22
C ASN A 205 18.46 7.22 -13.07
N ALA A 206 19.16 8.29 -12.71
CA ALA A 206 18.69 9.19 -11.63
C ALA A 206 17.46 10.01 -12.05
N ASP A 207 17.27 10.14 -13.37
CA ASP A 207 16.15 10.86 -13.98
C ASP A 207 15.01 9.89 -14.24
N HIS A 208 13.85 10.19 -13.65
CA HIS A 208 12.68 9.32 -13.77
C HIS A 208 12.15 9.14 -15.17
N MSE A 209 12.38 10.11 -16.04
CA MSE A 209 11.90 10.06 -17.43
C MSE A 209 12.74 9.13 -18.26
O MSE A 209 12.26 8.56 -19.25
CB MSE A 209 11.92 11.45 -18.08
CG MSE A 209 10.79 12.38 -17.59
SE MSE A 209 9.01 11.52 -17.64
CE MSE A 209 8.75 11.46 -19.60
N ALA A 210 13.99 8.96 -17.88
CA ALA A 210 14.91 8.11 -18.61
C ALA A 210 14.86 6.68 -18.06
N ALA A 211 14.68 6.57 -16.74
CA ALA A 211 14.43 5.29 -16.09
C ALA A 211 13.14 4.63 -16.62
N MSE A 212 12.12 5.44 -16.88
CA MSE A 212 10.88 5.00 -17.51
C MSE A 212 11.14 4.21 -18.77
O MSE A 212 10.54 3.15 -18.97
CB MSE A 212 10.04 6.22 -17.83
CG MSE A 212 8.57 5.94 -17.54
SE MSE A 212 7.40 7.28 -18.39
CE MSE A 212 8.07 7.21 -20.25
N LYS A 213 12.01 4.72 -19.63
CA LYS A 213 12.40 4.07 -20.90
C LYS A 213 12.86 2.62 -20.71
N THR A 214 13.76 2.42 -19.75
CA THR A 214 14.28 1.09 -19.43
C THR A 214 13.17 0.21 -18.90
N CYS A 215 12.28 0.79 -18.10
CA CYS A 215 11.19 0.06 -17.47
C CYS A 215 10.19 -0.41 -18.52
N LEU A 216 9.81 0.50 -19.41
CA LEU A 216 8.94 0.20 -20.54
C LEU A 216 9.52 -0.93 -21.41
N ASP A 217 10.83 -0.87 -21.66
CA ASP A 217 11.52 -1.88 -22.47
C ASP A 217 11.38 -3.30 -21.91
N VAL A 218 11.50 -3.43 -20.59
CA VAL A 218 11.32 -4.72 -19.90
C VAL A 218 9.90 -5.27 -20.11
N LEU A 219 8.89 -4.42 -19.88
CA LEU A 219 7.47 -4.81 -20.05
C LEU A 219 7.14 -5.21 -21.49
N GLU A 220 7.71 -4.52 -22.47
CA GLU A 220 7.58 -4.95 -23.87
C GLU A 220 8.17 -6.34 -24.05
N ALA A 221 9.40 -6.52 -23.57
CA ALA A 221 10.13 -7.79 -23.69
C ALA A 221 9.42 -8.98 -23.05
N HIS A 222 8.72 -8.76 -21.94
CA HIS A 222 8.05 -9.87 -21.24
C HIS A 222 6.58 -9.60 -20.97
N ALA A 223 5.89 -9.04 -21.94
CA ALA A 223 4.48 -8.62 -21.78
C ALA A 223 3.51 -9.69 -21.26
N ALA A 224 3.62 -10.90 -21.83
CA ALA A 224 2.79 -12.05 -21.41
C ALA A 224 3.02 -12.44 -19.95
N LYS A 225 4.25 -12.24 -19.47
CA LYS A 225 4.60 -12.51 -18.09
C LYS A 225 4.34 -11.36 -17.13
N VAL A 226 3.72 -10.28 -17.62
CA VAL A 226 3.48 -9.09 -16.80
C VAL A 226 2.00 -8.67 -16.82
N ASP A 227 1.31 -8.94 -15.73
CA ASP A 227 -0.09 -8.52 -15.57
C ASP A 227 -0.18 -7.00 -15.47
N GLY A 228 0.75 -6.38 -14.74
CA GLY A 228 0.77 -4.92 -14.62
C GLY A 228 2.00 -4.27 -14.00
N ILE A 229 1.98 -2.95 -13.91
CA ILE A 229 3.02 -2.20 -13.21
C ILE A 229 2.37 -1.27 -12.20
N LYS A 230 2.91 -1.26 -10.98
CA LYS A 230 2.52 -0.30 -9.95
C LYS A 230 3.59 0.76 -9.83
N ILE A 231 3.20 2.00 -10.05
CA ILE A 231 4.14 3.10 -9.93
C ILE A 231 3.84 3.90 -8.67
N SER A 232 4.89 4.10 -7.87
CA SER A 232 4.83 4.79 -6.59
C SER A 232 5.86 5.91 -6.56
N LEU A 233 5.70 6.86 -7.48
CA LEU A 233 6.60 7.99 -7.61
C LEU A 233 5.92 9.29 -7.19
N LEU A 234 4.62 9.21 -6.94
CA LEU A 234 3.76 10.37 -6.63
C LEU A 234 3.95 11.55 -7.61
N SER A 235 4.18 11.22 -8.86
CA SER A 235 4.30 12.19 -9.94
C SER A 235 3.21 11.82 -10.93
N LYS A 236 2.07 12.48 -10.79
CA LYS A 236 0.87 12.19 -11.58
C LYS A 236 1.08 12.31 -13.12
N GLU A 237 1.84 13.31 -13.56
CA GLU A 237 2.15 13.42 -14.98
C GLU A 237 2.96 12.23 -15.49
N LYS A 238 3.79 11.65 -14.62
CA LYS A 238 4.65 10.56 -15.05
C LYS A 238 3.85 9.27 -15.27
N GLU A 239 2.77 9.09 -14.50
CA GLU A 239 1.89 7.94 -14.64
C GLU A 239 1.06 8.02 -15.95
N ILE A 240 0.48 9.18 -16.21
CA ILE A 240 -0.37 9.39 -17.37
C ILE A 240 0.44 9.15 -18.64
N VAL A 241 1.66 9.67 -18.67
CA VAL A 241 2.56 9.48 -19.80
C VAL A 241 2.94 8.01 -19.98
N MSE A 242 2.96 7.26 -18.89
CA MSE A 242 3.42 5.89 -18.96
C MSE A 242 2.32 4.94 -19.31
O MSE A 242 2.54 4.00 -20.09
CB MSE A 242 4.06 5.47 -17.65
CG MSE A 242 5.02 4.35 -17.98
SE MSE A 242 5.66 3.65 -16.27
CE MSE A 242 7.10 2.52 -17.00
N ARG A 243 1.13 5.17 -18.77
CA ARG A 243 -0.01 4.29 -19.06
C ARG A 243 -0.49 4.32 -20.51
N ARG A 244 -0.04 5.32 -21.27
CA ARG A 244 -0.39 5.47 -22.69
C ARG A 244 0.58 4.72 -23.60
N GLN A 245 1.78 4.44 -23.09
CA GLN A 245 2.84 3.73 -23.81
C GLN A 245 2.88 2.24 -23.45
N LEU A 246 2.01 1.82 -22.53
CA LEU A 246 1.92 0.43 -22.08
C LEU A 246 1.42 -0.55 -23.16
N PRO A 247 2.05 -1.75 -23.27
CA PRO A 247 1.64 -2.80 -24.23
C PRO A 247 0.24 -3.34 -23.98
N LYS A 248 -0.39 -3.89 -25.02
CA LYS A 248 -1.68 -4.58 -24.91
C LYS A 248 -1.74 -5.60 -23.73
N GLY A 249 -2.72 -5.43 -22.84
CA GLY A 249 -2.94 -6.37 -21.73
C GLY A 249 -1.98 -6.26 -20.54
N VAL A 250 -1.25 -5.16 -20.47
CA VAL A 250 -0.40 -4.86 -19.32
C VAL A 250 -1.10 -3.72 -18.57
N ARG A 251 -1.67 -4.01 -17.40
CA ARG A 251 -2.41 -3.00 -16.64
C ARG A 251 -1.53 -1.95 -15.93
N MSE A 252 -2.07 -0.75 -15.73
CA MSE A 252 -1.42 0.29 -14.92
C MSE A 252 -2.09 0.31 -13.57
O MSE A 252 -3.27 0.68 -13.45
CB MSE A 252 -1.53 1.66 -15.59
CG MSE A 252 -1.06 2.85 -14.74
SE MSE A 252 0.84 2.76 -14.19
CE MSE A 252 1.69 3.41 -15.85
N TYR A 253 -1.37 -0.12 -12.55
CA TYR A 253 -1.92 -0.04 -11.19
C TYR A 253 -1.38 1.23 -10.55
N THR A 254 -2.28 2.14 -10.19
CA THR A 254 -1.85 3.37 -9.54
C THR A 254 -1.33 3.13 -8.10
N GLY A 255 -0.24 3.79 -7.77
CA GLY A 255 0.38 3.65 -6.47
C GLY A 255 0.43 5.04 -5.90
N ASP A 256 -0.19 5.95 -6.64
CA ASP A 256 -0.20 7.36 -6.33
C ASP A 256 -1.32 7.67 -5.34
N ASP A 257 -0.98 7.69 -4.06
CA ASP A 257 -1.95 8.02 -3.00
C ASP A 257 -2.30 9.52 -2.91
N PHE A 258 -1.68 10.35 -3.75
CA PHE A 258 -2.03 11.78 -3.81
C PHE A 258 -3.08 12.07 -4.87
N ASN A 259 -3.16 11.19 -5.88
CA ASN A 259 -3.88 11.45 -7.12
C ASN A 259 -4.78 10.34 -7.65
N TYR A 260 -5.00 9.32 -6.83
CA TYR A 260 -5.78 8.13 -7.18
C TYR A 260 -7.17 8.36 -7.79
N ALA A 261 -7.95 9.30 -7.24
CA ALA A 261 -9.29 9.55 -7.77
C ALA A 261 -9.25 9.97 -9.24
N GLU A 262 -8.41 10.96 -9.56
CA GLU A 262 -8.22 11.46 -10.92
C GLU A 262 -7.73 10.36 -11.87
N LEU A 263 -6.76 9.57 -11.40
CA LEU A 263 -6.14 8.53 -12.22
C LEU A 263 -7.03 7.32 -12.46
N ILE A 264 -7.71 6.86 -11.40
CA ILE A 264 -8.64 5.72 -11.49
C ILE A 264 -9.80 6.01 -12.47
N ALA A 265 -10.42 7.18 -12.33
CA ALA A 265 -11.46 7.64 -13.28
C ALA A 265 -10.89 7.77 -14.70
N GLY A 266 -9.65 8.22 -14.81
CA GLY A 266 -8.97 8.32 -16.10
C GLY A 266 -9.34 9.52 -16.96
N ASP A 267 -8.72 9.58 -18.14
CA ASP A 267 -8.99 10.63 -19.09
C ASP A 267 -9.61 10.08 -20.36
N GLU A 268 -9.63 10.92 -21.40
CA GLU A 268 -10.13 10.57 -22.72
C GLU A 268 -9.23 9.56 -23.47
N GLU A 269 -8.12 9.15 -22.86
CA GLU A 269 -7.18 8.21 -23.49
C GLU A 269 -7.13 6.88 -22.76
N GLY A 270 -7.23 6.93 -21.43
CA GLY A 270 -7.23 5.72 -20.64
C GLY A 270 -7.54 5.97 -19.17
N HIS A 271 -7.61 4.89 -18.42
CA HIS A 271 -7.70 4.98 -16.98
C HIS A 271 -6.59 4.17 -16.36
N SER A 272 -6.46 4.21 -15.04
CA SER A 272 -5.64 3.22 -14.36
C SER A 272 -6.40 2.44 -13.29
N ASP A 273 -5.92 1.23 -13.03
CA ASP A 273 -6.40 0.40 -11.94
C ASP A 273 -5.73 0.84 -10.62
N ALA A 274 -5.77 0.00 -9.58
CA ALA A 274 -5.36 0.47 -8.26
C ALA A 274 -4.69 -0.57 -7.39
N LEU A 275 -3.60 -0.16 -6.77
CA LEU A 275 -2.90 -0.96 -5.78
C LEU A 275 -2.32 0.08 -4.81
N LEU A 276 -3.11 0.38 -3.79
CA LEU A 276 -2.92 1.55 -2.96
C LEU A 276 -2.91 1.23 -1.48
N GLY A 277 -1.95 1.82 -0.76
CA GLY A 277 -1.97 1.82 0.70
C GLY A 277 -3.13 2.64 1.26
N ILE A 278 -3.57 3.68 0.54
CA ILE A 278 -4.71 4.47 1.01
C ILE A 278 -6.02 3.65 1.02
N PHE A 279 -6.15 2.70 0.10
CA PHE A 279 -7.35 1.87 0.04
C PHE A 279 -7.52 0.99 1.26
N ASP A 280 -6.43 0.72 1.95
CA ASP A 280 -6.46 0.09 3.24
C ASP A 280 -7.21 1.02 4.22
N ALA A 281 -6.69 2.23 4.42
CA ALA A 281 -7.26 3.19 5.38
C ALA A 281 -8.69 3.68 5.09
N ILE A 282 -9.08 3.73 3.82
CA ILE A 282 -10.44 4.16 3.45
C ILE A 282 -11.24 3.05 2.75
N ALA A 283 -10.88 1.79 3.04
CA ALA A 283 -11.50 0.62 2.43
C ALA A 283 -13.00 0.75 2.13
N PRO A 284 -13.83 1.08 3.14
CA PRO A 284 -15.29 1.15 2.92
C PRO A 284 -15.70 2.14 1.86
N VAL A 285 -15.06 3.30 1.85
CA VAL A 285 -15.36 4.38 0.92
C VAL A 285 -14.91 4.00 -0.48
N ALA A 286 -13.69 3.46 -0.59
CA ALA A 286 -13.15 3.06 -1.88
C ALA A 286 -14.06 2.05 -2.56
N SER A 287 -14.49 1.06 -1.77
CA SER A 287 -15.42 0.06 -2.21
C SER A 287 -16.69 0.73 -2.75
N ALA A 288 -17.33 1.57 -1.93
CA ALA A 288 -18.56 2.26 -2.32
C ALA A 288 -18.39 3.07 -3.61
N ALA A 289 -17.21 3.67 -3.78
CA ALA A 289 -16.95 4.50 -4.94
C ALA A 289 -16.61 3.68 -6.18
N LEU A 290 -15.86 2.60 -6.01
CA LEU A 290 -15.59 1.69 -7.11
C LEU A 290 -16.88 1.05 -7.64
N GLU A 291 -17.87 0.88 -6.76
CA GLU A 291 -19.17 0.39 -7.21
C GLU A 291 -19.87 1.43 -8.09
N ALA A 292 -19.92 2.67 -7.61
CA ALA A 292 -20.51 3.77 -8.38
C ALA A 292 -19.84 3.94 -9.76
N LEU A 293 -18.50 3.91 -9.79
CA LEU A 293 -17.74 3.96 -11.05
C LEU A 293 -18.10 2.82 -11.99
N GLY A 294 -18.24 1.61 -11.44
CA GLY A 294 -18.65 0.42 -12.18
C GLY A 294 -20.10 0.49 -12.66
N SER A 295 -20.91 1.31 -12.00
CA SER A 295 -22.29 1.57 -12.40
C SER A 295 -22.39 2.79 -13.33
N GLY A 296 -21.28 3.19 -13.92
CA GLY A 296 -21.22 4.36 -14.81
C GLY A 296 -21.67 5.66 -14.14
N ARG A 297 -21.77 5.62 -12.80
CA ARG A 297 -22.15 6.78 -12.00
C ARG A 297 -20.94 7.63 -11.54
N ASN A 298 -20.19 8.15 -12.50
CA ASN A 298 -18.98 8.96 -12.24
C ASN A 298 -19.14 10.13 -11.25
N GLY A 299 -20.33 10.73 -11.20
CA GLY A 299 -20.63 11.79 -10.26
C GLY A 299 -20.53 11.33 -8.81
N GLU A 300 -21.15 10.20 -8.49
CA GLU A 300 -21.10 9.69 -7.11
C GLU A 300 -19.70 9.18 -6.71
N PHE A 301 -18.99 8.57 -7.66
CA PHE A 301 -17.58 8.22 -7.48
C PHE A 301 -16.79 9.37 -6.86
N PHE A 302 -16.82 10.54 -7.51
CA PHE A 302 -16.09 11.72 -7.04
C PHE A 302 -16.65 12.27 -5.73
N GLU A 303 -17.97 12.29 -5.60
CA GLU A 303 -18.64 12.72 -4.37
C GLU A 303 -18.13 11.94 -3.16
N LEU A 304 -17.92 10.64 -3.35
CA LEU A 304 -17.42 9.76 -2.31
C LEU A 304 -15.90 9.87 -2.10
N LEU A 305 -15.15 9.95 -3.20
CA LEU A 305 -13.69 9.85 -3.11
C LEU A 305 -12.99 11.18 -2.90
N GLU A 306 -13.40 12.23 -3.60
CA GLU A 306 -12.75 13.55 -3.45
C GLU A 306 -12.57 14.02 -1.99
N PRO A 307 -13.53 13.73 -1.09
CA PRO A 307 -13.30 14.10 0.32
C PRO A 307 -12.19 13.32 1.05
N THR A 308 -11.88 12.12 0.57
CA THR A 308 -10.80 11.35 1.14
C THR A 308 -9.44 11.89 0.71
N VAL A 309 -9.39 12.48 -0.48
CA VAL A 309 -8.14 12.93 -1.07
C VAL A 309 -7.33 13.85 -0.13
N PRO A 310 -7.99 14.85 0.50
CA PRO A 310 -7.19 15.66 1.41
C PRO A 310 -6.64 14.83 2.57
N LEU A 311 -7.44 13.92 3.11
CA LEU A 311 -7.03 13.01 4.17
C LEU A 311 -5.81 12.21 3.72
N SER A 312 -5.90 11.64 2.53
CA SER A 312 -4.78 10.91 1.98
C SER A 312 -3.48 11.75 1.85
N ARG A 313 -3.57 12.93 1.25
CA ARG A 313 -2.41 13.77 1.09
C ARG A 313 -1.78 14.09 2.44
N HIS A 314 -2.61 14.20 3.47
CA HIS A 314 -2.14 14.44 4.83
C HIS A 314 -1.42 13.23 5.39
N ILE A 315 -2.02 12.06 5.23
CA ILE A 315 -1.44 10.82 5.70
C ILE A 315 -0.08 10.54 5.04
N PHE A 316 0.03 10.89 3.76
CA PHE A 316 1.27 10.64 3.00
C PHE A 316 2.21 11.85 2.91
N LYS A 317 1.99 12.84 3.75
CA LYS A 317 2.82 14.03 3.65
C LYS A 317 4.26 13.82 4.08
N ALA A 318 5.15 14.68 3.58
CA ALA A 318 6.57 14.62 3.89
C ALA A 318 6.81 14.74 5.41
N PRO A 319 7.66 13.86 5.98
CA PRO A 319 8.36 12.71 5.35
C PRO A 319 7.41 11.53 5.09
N THR A 320 7.30 11.19 3.82
CA THR A 320 6.27 10.28 3.31
C THR A 320 6.39 8.82 3.77
N ARG A 321 7.61 8.38 4.07
CA ARG A 321 7.83 6.99 4.47
C ARG A 321 7.06 6.61 5.76
N PHE A 322 6.50 7.60 6.43
CA PHE A 322 5.82 7.39 7.71
C PHE A 322 4.31 7.35 7.56
N TYR A 323 3.84 7.31 6.32
CA TYR A 323 2.41 7.18 6.07
C TYR A 323 1.77 6.01 6.80
N LYS A 324 2.53 4.95 7.03
CA LYS A 324 1.96 3.74 7.61
C LYS A 324 1.41 4.02 8.99
N THR A 325 2.01 5.00 9.65
CA THR A 325 1.54 5.45 10.92
C THR A 325 0.11 6.00 10.87
N GLY A 326 -0.19 6.83 9.87
CA GLY A 326 -1.54 7.37 9.70
C GLY A 326 -2.53 6.28 9.33
N VAL A 327 -2.07 5.27 8.60
CA VAL A 327 -2.94 4.18 8.19
C VAL A 327 -3.39 3.35 9.40
N VAL A 328 -2.42 2.91 10.20
CA VAL A 328 -2.68 2.15 11.39
C VAL A 328 -3.41 2.99 12.44
N PHE A 329 -3.07 4.27 12.55
CA PHE A 329 -3.86 5.12 13.45
C PHE A 329 -5.32 5.15 13.05
N LEU A 330 -5.58 5.20 11.76
CA LEU A 330 -6.95 5.21 11.31
C LEU A 330 -7.64 3.84 11.58
N ALA A 331 -6.93 2.74 11.33
CA ALA A 331 -7.44 1.42 11.76
C ALA A 331 -7.83 1.42 13.24
N TYR A 332 -6.98 2.01 14.09
CA TYR A 332 -7.21 2.09 15.54
C TYR A 332 -8.45 2.90 15.87
N LEU A 333 -8.63 4.03 15.18
CA LEU A 333 -9.82 4.84 15.38
C LEU A 333 -11.07 4.08 14.98
N ASN A 334 -10.96 3.23 13.97
CA ASN A 334 -12.11 2.50 13.45
C ASN A 334 -12.32 1.17 14.17
N GLY A 335 -11.52 0.93 15.22
CA GLY A 335 -11.70 -0.25 16.06
C GLY A 335 -11.32 -1.58 15.42
N LEU A 336 -10.42 -1.53 14.45
CA LEU A 336 -9.99 -2.75 13.77
C LEU A 336 -8.88 -3.39 14.57
N GLN A 337 -8.32 -2.60 15.49
CA GLN A 337 -7.39 -3.07 16.47
C GLN A 337 -7.59 -2.25 17.73
N ASP A 338 -7.07 -2.73 18.85
CA ASP A 338 -7.38 -2.16 20.18
C ASP A 338 -6.25 -1.33 20.76
N HIS A 339 -5.18 -1.18 20.01
CA HIS A 339 -4.03 -0.46 20.48
C HIS A 339 -3.45 0.29 19.34
N PHE A 340 -2.48 1.14 19.63
CA PHE A 340 -1.75 1.86 18.62
C PHE A 340 -0.26 1.55 18.83
N VAL A 341 0.11 0.30 18.59
CA VAL A 341 1.50 -0.18 18.71
C VAL A 341 1.81 -0.75 17.35
N MSE A 342 2.96 -0.38 16.79
CA MSE A 342 3.30 -0.82 15.43
C MSE A 342 4.61 -1.57 15.40
O MSE A 342 5.50 -1.34 16.24
CB MSE A 342 3.44 0.38 14.52
CG MSE A 342 2.14 1.17 14.35
SE MSE A 342 2.41 2.61 12.99
CE MSE A 342 0.85 3.64 13.54
N ILE A 343 4.74 -2.46 14.42
CA ILE A 343 6.06 -2.99 14.07
C ILE A 343 7.04 -1.82 13.97
N GLY A 344 8.27 -2.03 14.39
CA GLY A 344 9.30 -1.01 14.32
C GLY A 344 9.08 0.13 15.29
N GLY A 345 7.98 0.10 16.05
CA GLY A 345 7.74 1.15 17.06
C GLY A 345 7.34 2.47 16.42
N GLN A 346 6.75 2.38 15.24
CA GLN A 346 6.44 3.56 14.48
C GLN A 346 5.17 4.34 14.86
N GLN A 347 4.47 3.92 15.93
CA GLN A 347 3.35 4.71 16.44
C GLN A 347 3.76 6.17 16.68
N SER A 348 5.06 6.38 16.86
CA SER A 348 5.55 7.62 17.44
C SER A 348 6.11 8.55 16.36
N ALA A 349 6.03 8.10 15.11
CA ALA A 349 6.66 8.80 14.01
C ALA A 349 5.85 9.98 13.47
N ARG A 350 4.61 10.15 13.92
CA ARG A 350 3.84 11.34 13.59
C ARG A 350 3.53 12.12 14.85
N SER A 351 3.53 13.46 14.76
CA SER A 351 3.23 14.30 15.93
C SER A 351 1.77 14.08 16.32
N LEU A 352 1.41 14.51 17.52
CA LEU A 352 0.05 14.47 17.98
C LEU A 352 -0.81 15.37 17.08
N VAL A 353 -0.25 16.53 16.75
CA VAL A 353 -0.88 17.53 15.91
C VAL A 353 -1.28 16.90 14.59
N HIS A 354 -0.42 16.05 14.06
CA HIS A 354 -0.68 15.35 12.82
C HIS A 354 -1.78 14.34 12.98
N LEU A 355 -1.81 13.66 14.12
CA LEU A 355 -2.85 12.64 14.39
C LEU A 355 -4.22 13.29 14.59
N ALA A 356 -4.26 14.42 15.28
CA ALA A 356 -5.48 15.22 15.42
C ALA A 356 -5.98 15.74 14.08
N GLU A 357 -5.07 16.23 13.22
CA GLU A 357 -5.49 16.68 11.90
C GLU A 357 -6.04 15.52 11.07
N LEU A 358 -5.33 14.41 11.09
CA LEU A 358 -5.80 13.13 10.56
C LEU A 358 -7.24 12.81 11.00
N PHE A 359 -7.53 12.92 12.29
CA PHE A 359 -8.88 12.74 12.80
C PHE A 359 -9.92 13.69 12.15
N ARG A 360 -9.62 14.99 12.03
CA ARG A 360 -10.57 15.94 11.38
C ARG A 360 -10.82 15.61 9.92
N LEU A 361 -9.74 15.38 9.18
CA LEU A 361 -9.87 15.04 7.77
C LEU A 361 -10.57 13.69 7.59
N ALA A 362 -10.31 12.73 8.49
CA ALA A 362 -11.05 11.45 8.48
C ALA A 362 -12.55 11.65 8.73
N ASP A 363 -12.87 12.51 9.70
CA ASP A 363 -14.27 12.86 9.98
C ASP A 363 -14.98 13.43 8.75
N LYS A 364 -14.35 14.40 8.10
CA LYS A 364 -14.96 15.09 6.97
C LYS A 364 -14.95 14.29 5.68
N ALA A 365 -14.29 13.13 5.69
CA ALA A 365 -14.21 12.28 4.52
C ALA A 365 -15.13 11.08 4.67
N GLY A 366 -15.86 11.03 5.78
CA GLY A 366 -16.77 9.94 6.09
C GLY A 366 -16.04 8.63 6.33
N ALA A 367 -14.76 8.74 6.68
CA ALA A 367 -13.86 7.60 6.90
C ALA A 367 -13.79 7.10 8.34
N LEU A 368 -14.54 7.73 9.24
CA LEU A 368 -14.72 7.19 10.60
C LEU A 368 -15.98 6.32 10.65
N ALA A 369 -15.80 5.00 10.54
CA ALA A 369 -16.94 4.05 10.54
C ALA A 369 -17.83 4.24 11.77
N ASP A 370 -17.20 4.48 12.91
CA ASP A 370 -17.90 4.67 14.18
C ASP A 370 -17.42 5.93 14.91
N PRO A 371 -18.05 7.08 14.64
CA PRO A 371 -17.62 8.39 15.16
C PRO A 371 -17.50 8.46 16.67
N GLU A 372 -18.47 7.91 17.40
CA GLU A 372 -18.40 7.89 18.86
C GLU A 372 -17.18 7.10 19.41
N LEU A 373 -16.94 5.92 18.85
CA LEU A 373 -15.76 5.14 19.19
C LEU A 373 -14.46 5.86 18.78
N ALA A 374 -14.43 6.38 17.55
CA ALA A 374 -13.27 7.14 17.08
C ALA A 374 -12.95 8.28 18.04
N THR A 375 -14.00 8.99 18.47
CA THR A 375 -13.85 10.12 19.40
C THR A 375 -13.32 9.69 20.75
N ALA A 376 -13.80 8.56 21.25
CA ALA A 376 -13.35 8.05 22.55
C ALA A 376 -11.87 7.67 22.50
N ARG A 377 -11.52 6.98 21.43
CA ARG A 377 -10.14 6.59 21.20
C ARG A 377 -9.19 7.78 21.03
N MSE A 378 -9.61 8.79 20.28
CA MSE A 378 -8.87 10.05 20.20
C MSE A 378 -8.71 10.67 21.58
O MSE A 378 -7.64 11.21 21.88
CB MSE A 378 -9.52 11.05 19.25
CG MSE A 378 -8.64 12.28 19.04
SE MSE A 378 -7.16 12.01 17.74
CE MSE A 378 -5.69 12.70 18.86
N ARG A 379 -9.75 10.60 22.41
CA ARG A 379 -9.68 11.15 23.77
C ARG A 379 -8.62 10.42 24.60
N ARG A 380 -8.54 9.10 24.46
CA ARG A 380 -7.56 8.30 25.20
C ARG A 380 -6.15 8.62 24.77
N VAL A 381 -5.97 8.93 23.49
CA VAL A 381 -4.69 9.33 22.92
C VAL A 381 -4.25 10.71 23.44
N LEU A 382 -5.16 11.67 23.41
CA LEU A 382 -4.92 12.98 24.03
C LEU A 382 -4.58 12.88 25.51
N ALA A 383 -5.30 12.03 26.25
CA ALA A 383 -5.11 11.92 27.70
C ALA A 383 -3.70 11.42 27.98
N MSE A 384 -3.29 10.38 27.26
CA MSE A 384 -1.94 9.84 27.25
C MSE A 384 -0.88 10.88 26.98
O MSE A 384 0.25 10.76 27.47
CB MSE A 384 -1.97 8.82 26.12
CG MSE A 384 -0.88 7.77 26.18
SE MSE A 384 -0.70 7.07 28.02
CE MSE A 384 1.19 7.57 28.30
N HIS A 385 -1.22 11.90 26.19
CA HIS A 385 -0.31 13.02 25.93
C HIS A 385 -0.51 14.14 26.92
N GLY A 386 -1.23 13.86 28.02
CA GLY A 386 -1.51 14.87 29.04
C GLY A 386 -2.48 15.95 28.61
N VAL A 387 -3.49 15.58 27.83
CA VAL A 387 -4.53 16.50 27.40
C VAL A 387 -5.92 15.89 27.64
C1 GOL B . 3.84 2.89 -1.66
O1 GOL B . 3.94 1.65 -2.35
C2 GOL B . 2.48 3.51 -1.93
O2 GOL B . 2.28 3.62 -3.35
C3 GOL B . 1.41 2.65 -1.28
O3 GOL B . 0.13 2.99 -1.83
C1 GOL C . -24.02 -5.07 -1.65
O1 GOL C . -23.26 -5.68 -2.70
C2 GOL C . -24.53 -6.12 -0.67
O2 GOL C . -23.75 -6.17 0.53
C3 GOL C . -25.94 -5.77 -0.25
O3 GOL C . -26.23 -6.47 0.96
#